data_9H0A
#
_entry.id   9H0A
#
_cell.length_a   82.012
_cell.length_b   82.012
_cell.length_c   127.851
_cell.angle_alpha   90.000
_cell.angle_beta   90.000
_cell.angle_gamma   120.000
#
_symmetry.space_group_name_H-M   'P 63 2 2'
#
loop_
_entity.id
_entity.type
_entity.pdbx_description
1 polymer 'Parasitophorous vacuolar protein 5'
2 non-polymer 4-(aminomethyl)-1-[5-(2-methoxy-6-propan-2-yl-pyridin-3-yl)imidazo[2,1-b][1,3,4]thiadiazol-2-yl]piperidin-4-ol
3 non-polymer 'CHLORIDE ION'
4 water water
#
_entity_poly.entity_id   1
_entity_poly.type   'polypeptide(L)'
_entity_poly.pdbx_seq_one_letter_code
;MIKKAVSLFFIFFLFTIIRASPGNDNNNVNNDGVVHVLSKNIDVKNLQGTFYEIATNASDKIFPGLACRCTKYEFSGLKR
DGNLGYVLINFSCARNFIFGEKKSEMTFKLILNKPLDENTTTVEEFNASIYLVQGNQQILLNGNINIIYAELNEQNEFEH
LILGGQKSIEPMIIMSKYRTVLLDTYNKLINSLYLAGYEPSLLTWPFIIQTDQTFCD
;
_entity_poly.pdbx_strand_id   A
#
loop_
_chem_comp.id
_chem_comp.type
_chem_comp.name
_chem_comp.formula
A1IRI non-polymer 4-(aminomethyl)-1-[5-(2-methoxy-6-propan-2-yl-pyridin-3-yl)imidazo[2,1-b][1,3,4]thiadiazol-2-yl]piperidin-4-ol 'C19 H26 N6 O2 S'
CL non-polymer 'CHLORIDE ION' 'Cl -1'
#
# COMPACT_ATOMS: atom_id res chain seq x y z
N ASP A 32 -13.25 -5.82 -17.77
CA ASP A 32 -14.13 -4.71 -17.43
C ASP A 32 -13.46 -3.78 -16.41
N GLY A 33 -12.23 -4.10 -16.02
CA GLY A 33 -11.47 -3.24 -15.16
C GLY A 33 -11.76 -3.36 -13.68
N VAL A 34 -12.77 -4.14 -13.30
CA VAL A 34 -13.03 -4.43 -11.88
C VAL A 34 -11.91 -5.30 -11.34
N VAL A 35 -11.24 -4.84 -10.27
CA VAL A 35 -10.18 -5.64 -9.66
C VAL A 35 -10.74 -6.31 -8.42
N HIS A 36 -10.35 -7.55 -8.19
CA HIS A 36 -10.71 -8.29 -6.99
C HIS A 36 -9.46 -8.64 -6.19
N VAL A 37 -9.70 -8.90 -4.91
CA VAL A 37 -8.62 -9.19 -3.96
C VAL A 37 -8.12 -10.62 -4.20
N LEU A 38 -6.80 -10.79 -4.22
CA LEU A 38 -6.23 -12.12 -4.34
C LEU A 38 -5.99 -12.78 -2.98
N SER A 39 -5.42 -12.04 -2.02
CA SER A 39 -4.92 -12.59 -0.77
C SER A 39 -5.98 -12.45 0.33
N LYS A 40 -6.55 -13.57 0.77
CA LYS A 40 -7.61 -13.56 1.78
C LYS A 40 -7.15 -14.20 3.08
N ASN A 41 -7.93 -13.93 4.13
CA ASN A 41 -7.68 -14.46 5.48
C ASN A 41 -6.36 -13.95 6.03
N ILE A 42 -6.17 -12.65 5.89
CA ILE A 42 -4.94 -11.95 6.25
C ILE A 42 -4.90 -11.65 7.75
N ASP A 43 -3.72 -11.81 8.35
CA ASP A 43 -3.50 -11.50 9.76
C ASP A 43 -3.04 -10.05 9.90
N VAL A 44 -3.86 -9.23 10.56
CA VAL A 44 -3.53 -7.81 10.66
C VAL A 44 -2.46 -7.53 11.70
N LYS A 45 -2.22 -8.46 12.64
CA LYS A 45 -1.07 -8.32 13.54
C LYS A 45 0.25 -8.25 12.79
N ASN A 46 0.38 -8.96 11.67
CA ASN A 46 1.61 -8.93 10.88
C ASN A 46 1.77 -7.66 10.06
N LEU A 47 0.77 -6.80 10.07
CA LEU A 47 0.77 -5.58 9.27
C LEU A 47 1.55 -4.48 9.99
N GLN A 48 2.78 -4.78 10.40
CA GLN A 48 3.58 -3.84 11.17
C GLN A 48 5.00 -3.82 10.62
N GLY A 49 5.64 -2.66 10.71
CA GLY A 49 7.01 -2.50 10.25
C GLY A 49 7.11 -1.52 9.10
N THR A 50 8.29 -1.44 8.54
CA THR A 50 8.60 -0.52 7.46
C THR A 50 8.50 -1.26 6.13
N PHE A 51 7.92 -0.58 5.14
CA PHE A 51 7.90 -1.07 3.77
C PHE A 51 8.34 0.04 2.83
N TYR A 52 9.10 -0.32 1.82
CA TYR A 52 9.61 0.63 0.84
C TYR A 52 8.79 0.51 -0.45
N GLU A 53 8.39 1.66 -0.99
CA GLU A 53 7.67 1.69 -2.25
C GLU A 53 8.58 1.27 -3.43
N ILE A 54 8.10 0.32 -4.21
CA ILE A 54 8.82 -0.19 -5.38
C ILE A 54 8.30 0.44 -6.66
N ALA A 55 6.98 0.56 -6.79
CA ALA A 55 6.37 1.16 -7.97
C ALA A 55 4.95 1.59 -7.59
N THR A 56 4.41 2.53 -8.37
CA THR A 56 3.02 2.96 -8.27
C THR A 56 2.47 3.00 -9.68
N ASN A 57 1.14 3.09 -9.81
CA ASN A 57 0.57 3.44 -11.10
C ASN A 57 0.55 4.97 -11.22
N ALA A 58 -0.15 5.50 -12.22
CA ALA A 58 -0.08 6.92 -12.52
C ALA A 58 -1.33 7.69 -12.09
N SER A 59 -2.07 7.19 -11.09
CA SER A 59 -3.20 7.94 -10.60
C SER A 59 -2.77 9.27 -10.00
N ASP A 60 -3.41 10.35 -10.44
CA ASP A 60 -3.14 11.69 -9.91
C ASP A 60 -3.43 11.80 -8.42
N LYS A 61 -4.18 10.85 -7.85
CA LYS A 61 -4.40 10.85 -6.40
C LYS A 61 -3.10 10.66 -5.64
N ILE A 62 -2.22 9.78 -6.11
CA ILE A 62 -1.00 9.42 -5.40
C ILE A 62 0.27 9.73 -6.19
N PHE A 63 0.19 9.96 -7.50
CA PHE A 63 1.38 10.21 -8.29
C PHE A 63 1.36 11.62 -8.82
N PRO A 64 2.46 12.38 -8.70
CA PRO A 64 3.76 12.05 -8.12
C PRO A 64 3.88 12.32 -6.62
N GLY A 65 2.78 12.77 -6.00
CA GLY A 65 2.85 13.17 -4.61
C GLY A 65 3.46 12.13 -3.69
N LEU A 66 3.06 10.87 -3.83
CA LEU A 66 3.52 9.81 -2.94
C LEU A 66 4.57 8.92 -3.57
N ALA A 67 5.32 9.42 -4.55
CA ALA A 67 6.26 8.61 -5.30
C ALA A 67 7.62 9.28 -5.45
N CYS A 68 7.93 10.28 -4.62
CA CYS A 68 9.23 10.91 -4.57
C CYS A 68 10.29 9.88 -4.13
N ARG A 69 11.56 10.27 -4.25
CA ARG A 69 12.63 9.30 -4.00
C ARG A 69 12.66 8.89 -2.53
N CYS A 70 13.06 7.63 -2.30
CA CYS A 70 13.18 7.04 -0.98
C CYS A 70 11.83 6.93 -0.25
N THR A 71 10.71 6.87 -1.00
CA THR A 71 9.40 6.78 -0.37
C THR A 71 9.30 5.52 0.48
N LYS A 72 8.76 5.68 1.69
CA LYS A 72 8.80 4.74 2.80
C LYS A 72 7.48 4.78 3.57
N TYR A 73 6.99 3.62 4.02
CA TYR A 73 5.73 3.50 4.78
C TYR A 73 5.96 2.69 6.07
N GLU A 74 5.69 3.31 7.23
CA GLU A 74 5.72 2.62 8.52
C GLU A 74 4.28 2.31 8.97
N PHE A 75 3.98 1.04 9.19
CA PHE A 75 2.67 0.62 9.63
C PHE A 75 2.69 0.38 11.13
N SER A 76 1.70 0.91 11.83
CA SER A 76 1.59 0.77 13.29
C SER A 76 1.24 -0.66 13.72
N GLY A 77 0.65 -1.45 12.84
CA GLY A 77 0.04 -2.69 13.30
C GLY A 77 -1.28 -2.45 14.02
N LEU A 78 -2.11 -3.49 14.11
CA LEU A 78 -3.52 -3.37 14.49
C LEU A 78 -3.72 -2.60 15.79
N LYS A 79 -4.63 -1.62 15.74
CA LYS A 79 -5.22 -0.98 16.91
C LYS A 79 -6.73 -1.16 16.85
N ARG A 80 -7.36 -1.10 18.02
CA ARG A 80 -8.79 -1.35 18.17
C ARG A 80 -9.48 -0.18 18.83
N ASP A 81 -10.66 0.16 18.33
CA ASP A 81 -11.53 1.14 18.93
C ASP A 81 -12.90 0.48 19.11
N GLY A 82 -12.97 -0.44 20.06
CA GLY A 82 -14.14 -1.31 20.15
C GLY A 82 -14.02 -2.41 19.11
N ASN A 83 -15.11 -2.65 18.38
CA ASN A 83 -15.12 -3.62 17.29
C ASN A 83 -14.58 -3.04 15.98
N LEU A 84 -14.00 -1.84 16.03
CA LEU A 84 -13.42 -1.19 14.86
C LEU A 84 -11.91 -1.43 14.87
N GLY A 85 -11.39 -2.00 13.79
CA GLY A 85 -9.96 -2.18 13.62
C GLY A 85 -9.39 -1.13 12.69
N TYR A 86 -8.14 -0.72 12.97
CA TYR A 86 -7.48 0.26 12.14
C TYR A 86 -5.97 0.18 12.33
N VAL A 87 -5.27 0.89 11.45
CA VAL A 87 -3.81 0.90 11.38
C VAL A 87 -3.38 2.29 10.94
N LEU A 88 -2.31 2.80 11.55
CA LEU A 88 -1.68 4.07 11.17
C LEU A 88 -0.52 3.84 10.20
N ILE A 89 -0.36 4.74 9.25
CA ILE A 89 0.73 4.66 8.28
C ILE A 89 1.43 6.01 8.24
N ASN A 90 2.71 6.02 8.61
CA ASN A 90 3.54 7.21 8.46
C ASN A 90 4.29 7.14 7.14
N PHE A 91 3.99 8.09 6.25
CA PHE A 91 4.69 8.23 4.98
C PHE A 91 5.80 9.25 5.13
N SER A 92 6.93 8.98 4.46
CA SER A 92 7.99 9.96 4.33
C SER A 92 8.74 9.70 3.04
N CYS A 93 9.34 10.76 2.50
CA CYS A 93 10.26 10.64 1.38
C CYS A 93 11.28 11.76 1.49
N ALA A 94 12.40 11.60 0.77
CA ALA A 94 13.55 12.48 0.78
C ALA A 94 13.40 13.66 -0.19
N ARG A 95 14.24 14.67 0.00
CA ARG A 95 14.20 15.85 -0.86
C ARG A 95 14.75 15.50 -2.26
N ASN A 96 14.54 16.43 -3.18
CA ASN A 96 15.08 16.32 -4.53
C ASN A 96 15.73 17.65 -4.90
N PHE A 97 17.07 17.66 -4.99
CA PHE A 97 17.80 18.89 -5.26
C PHE A 97 17.49 19.43 -6.66
N ILE A 98 17.53 18.55 -7.67
CA ILE A 98 17.40 19.04 -9.05
C ILE A 98 15.97 19.52 -9.32
N PHE A 99 14.98 18.98 -8.61
CA PHE A 99 13.61 19.46 -8.70
C PHE A 99 13.27 20.51 -7.64
N GLY A 100 14.20 20.82 -6.73
CA GLY A 100 13.96 21.79 -5.70
C GLY A 100 12.94 21.39 -4.64
N GLU A 101 12.57 20.12 -4.58
CA GLU A 101 11.55 19.68 -3.63
C GLU A 101 12.16 19.41 -2.27
N LYS A 102 11.53 19.94 -1.23
CA LYS A 102 11.92 19.65 0.13
C LYS A 102 11.44 18.24 0.52
N LYS A 103 12.02 17.69 1.59
CA LYS A 103 11.56 16.40 2.09
C LYS A 103 10.14 16.51 2.63
N SER A 104 9.48 15.37 2.79
CA SER A 104 8.05 15.40 3.02
C SER A 104 7.65 14.21 3.87
N GLU A 105 6.61 14.40 4.67
CA GLU A 105 6.14 13.35 5.57
C GLU A 105 4.69 13.68 5.95
N MET A 106 3.86 12.63 6.06
CA MET A 106 2.47 12.78 6.45
C MET A 106 1.95 11.44 6.97
N THR A 107 0.79 11.49 7.61
CA THR A 107 0.24 10.33 8.33
C THR A 107 -1.15 9.98 7.82
N PHE A 108 -1.39 8.68 7.63
CA PHE A 108 -2.67 8.15 7.17
C PHE A 108 -3.25 7.20 8.21
N LYS A 109 -4.58 7.07 8.22
CA LYS A 109 -5.28 6.06 9.00
C LYS A 109 -6.13 5.19 8.09
N LEU A 110 -5.94 3.88 8.19
CA LEU A 110 -6.73 2.90 7.44
C LEU A 110 -7.72 2.25 8.40
N ILE A 111 -9.02 2.48 8.20
CA ILE A 111 -10.06 1.91 9.07
C ILE A 111 -10.77 0.80 8.30
N LEU A 112 -10.65 -0.44 8.77
CA LEU A 112 -11.44 -1.56 8.23
C LEU A 112 -12.92 -1.20 8.20
N ASN A 113 -13.55 -1.44 7.04
CA ASN A 113 -14.97 -1.12 6.88
C ASN A 113 -15.88 -2.14 7.58
N LYS A 114 -15.44 -3.37 7.74
CA LYS A 114 -16.29 -4.31 8.45
C LYS A 114 -15.86 -4.41 9.91
N PRO A 115 -16.80 -4.43 10.87
CA PRO A 115 -16.42 -4.70 12.26
C PRO A 115 -15.51 -5.93 12.39
N LEU A 116 -14.60 -5.86 13.35
CA LEU A 116 -13.67 -6.94 13.65
C LEU A 116 -13.94 -7.48 15.04
N ASP A 117 -14.11 -8.80 15.15
CA ASP A 117 -14.40 -9.41 16.43
C ASP A 117 -13.21 -9.27 17.38
N GLU A 118 -13.49 -8.90 18.64
CA GLU A 118 -12.43 -8.66 19.62
C GLU A 118 -11.64 -9.91 19.99
N ASN A 119 -12.00 -11.05 19.39
CA ASN A 119 -11.36 -12.33 19.64
C ASN A 119 -10.44 -12.78 18.51
N THR A 120 -10.35 -12.02 17.42
CA THR A 120 -9.54 -12.40 16.27
C THR A 120 -8.82 -11.19 15.70
N THR A 121 -7.63 -11.43 15.15
CA THR A 121 -6.88 -10.42 14.43
C THR A 121 -6.83 -10.68 12.93
N THR A 122 -7.74 -11.51 12.40
CA THR A 122 -7.73 -11.95 11.02
C THR A 122 -9.01 -11.50 10.31
N VAL A 123 -8.86 -10.92 9.12
CA VAL A 123 -10.01 -10.53 8.32
C VAL A 123 -10.04 -11.39 7.06
N GLU A 124 -11.25 -11.62 6.54
CA GLU A 124 -11.36 -12.40 5.31
C GLU A 124 -10.76 -11.64 4.13
N GLU A 125 -11.06 -10.35 4.00
CA GLU A 125 -10.34 -9.44 3.11
C GLU A 125 -10.10 -8.13 3.83
N PHE A 126 -8.97 -7.50 3.49
CA PHE A 126 -8.63 -6.20 4.05
C PHE A 126 -9.23 -5.12 3.14
N ASN A 127 -10.38 -4.59 3.57
CA ASN A 127 -11.10 -3.53 2.88
C ASN A 127 -11.32 -2.40 3.88
N ALA A 128 -10.77 -1.21 3.59
CA ALA A 128 -10.73 -0.12 4.54
C ALA A 128 -11.00 1.22 3.87
N SER A 129 -11.40 2.20 4.69
CA SER A 129 -11.40 3.62 4.33
C SER A 129 -10.08 4.25 4.76
N ILE A 130 -9.63 5.26 4.02
CA ILE A 130 -8.35 5.91 4.29
C ILE A 130 -8.57 7.39 4.60
N TYR A 131 -7.93 7.86 5.68
CA TYR A 131 -8.00 9.21 6.17
C TYR A 131 -6.60 9.83 6.17
N LEU A 132 -6.55 11.12 5.88
CA LEU A 132 -5.40 11.94 6.25
C LEU A 132 -5.57 12.41 7.71
N VAL A 133 -4.50 12.32 8.50
CA VAL A 133 -4.53 12.56 9.94
C VAL A 133 -3.47 13.57 10.32
N GLN A 134 -3.78 14.44 11.28
CA GLN A 134 -2.81 15.38 11.86
C GLN A 134 -3.33 15.75 13.25
N GLY A 135 -2.56 15.47 14.30
CA GLY A 135 -3.06 15.72 15.64
C GLY A 135 -4.31 14.90 15.88
N ASN A 136 -5.34 15.51 16.47
CA ASN A 136 -6.62 14.83 16.65
C ASN A 136 -7.62 15.16 15.55
N GLN A 137 -7.14 15.54 14.37
CA GLN A 137 -7.98 15.83 13.21
C GLN A 137 -7.81 14.73 12.17
N GLN A 138 -8.91 14.38 11.47
CA GLN A 138 -8.86 13.40 10.39
C GLN A 138 -9.81 13.82 9.25
N ILE A 139 -9.43 13.47 8.03
CA ILE A 139 -10.21 13.83 6.87
C ILE A 139 -10.30 12.61 5.94
N LEU A 140 -11.53 12.22 5.60
CA LEU A 140 -11.75 11.02 4.79
C LEU A 140 -11.29 11.24 3.36
N LEU A 141 -10.42 10.35 2.87
CA LEU A 141 -9.92 10.46 1.50
C LEU A 141 -10.63 9.51 0.53
N ASN A 142 -10.76 8.23 0.89
CA ASN A 142 -11.38 7.24 0.01
C ASN A 142 -11.98 6.13 0.86
N GLY A 143 -13.18 5.68 0.48
CA GLY A 143 -13.92 4.68 1.22
C GLY A 143 -13.58 3.23 0.95
N ASN A 144 -12.68 2.93 0.01
CA ASN A 144 -12.44 1.53 -0.36
C ASN A 144 -10.99 1.37 -0.84
N ILE A 145 -10.10 1.10 0.11
CA ILE A 145 -8.73 0.70 -0.19
C ILE A 145 -8.54 -0.75 0.24
N ASN A 146 -8.00 -1.57 -0.65
CA ASN A 146 -7.86 -3.00 -0.44
C ASN A 146 -6.40 -3.43 -0.46
N ILE A 147 -6.09 -4.43 0.34
CA ILE A 147 -4.87 -5.21 0.16
C ILE A 147 -5.17 -6.24 -0.93
N ILE A 148 -4.61 -6.02 -2.12
CA ILE A 148 -4.84 -6.90 -3.26
C ILE A 148 -4.04 -8.19 -3.10
N TYR A 149 -2.76 -8.07 -2.78
CA TYR A 149 -1.84 -9.19 -2.70
C TYR A 149 -0.90 -9.01 -1.51
N ALA A 150 -0.59 -10.10 -0.84
CA ALA A 150 0.30 -10.07 0.30
C ALA A 150 1.05 -11.39 0.34
N GLU A 151 2.37 -11.32 0.47
CA GLU A 151 3.20 -12.52 0.49
C GLU A 151 4.01 -12.55 1.78
N LEU A 152 4.03 -13.72 2.43
CA LEU A 152 4.77 -13.93 3.67
C LEU A 152 6.08 -14.65 3.36
N ASN A 153 7.14 -14.25 4.03
CA ASN A 153 8.41 -14.97 3.95
C ASN A 153 8.32 -16.21 4.84
N GLU A 154 9.47 -16.89 5.03
CA GLU A 154 9.50 -18.16 5.75
C GLU A 154 9.43 -17.97 7.27
N GLN A 155 9.39 -16.73 7.73
CA GLN A 155 9.22 -16.41 9.15
C GLN A 155 7.86 -15.79 9.42
N ASN A 156 6.93 -15.91 8.46
CA ASN A 156 5.54 -15.49 8.63
C ASN A 156 5.44 -13.97 8.81
N GLU A 157 6.40 -13.22 8.26
CA GLU A 157 6.35 -11.77 8.15
C GLU A 157 6.02 -11.37 6.73
N PHE A 158 5.40 -10.20 6.58
CA PHE A 158 5.08 -9.71 5.25
C PHE A 158 6.35 -9.32 4.50
N GLU A 159 6.50 -9.86 3.29
CA GLU A 159 7.60 -9.49 2.41
C GLU A 159 7.17 -8.47 1.36
N HIS A 160 5.99 -8.66 0.77
CA HIS A 160 5.51 -7.77 -0.28
C HIS A 160 4.03 -7.49 -0.04
N LEU A 161 3.62 -6.26 -0.32
CA LEU A 161 2.25 -5.83 -0.20
C LEU A 161 1.89 -5.05 -1.45
N ILE A 162 0.70 -5.32 -2.00
CA ILE A 162 0.13 -4.49 -3.05
C ILE A 162 -1.20 -3.94 -2.56
N LEU A 163 -1.34 -2.61 -2.61
CA LEU A 163 -2.56 -1.92 -2.22
C LEU A 163 -3.18 -1.27 -3.44
N GLY A 164 -4.50 -1.35 -3.54
CA GLY A 164 -5.18 -0.85 -4.71
C GLY A 164 -6.64 -0.60 -4.42
N GLY A 165 -7.35 -0.12 -5.44
CA GLY A 165 -8.75 0.20 -5.29
C GLY A 165 -9.65 -0.91 -5.80
N GLN A 166 -10.84 -0.51 -6.26
CA GLN A 166 -11.78 -1.45 -6.83
C GLN A 166 -11.77 -1.44 -8.36
N LYS A 167 -11.12 -0.45 -8.98
CA LYS A 167 -10.92 -0.42 -10.42
C LYS A 167 -9.43 -0.35 -10.74
N SER A 168 -9.10 -0.77 -11.96
CA SER A 168 -7.72 -0.89 -12.40
C SER A 168 -7.05 0.45 -12.61
N ILE A 169 -7.82 1.52 -12.78
CA ILE A 169 -7.24 2.84 -12.91
C ILE A 169 -7.30 3.64 -11.61
N GLU A 170 -7.62 2.98 -10.49
CA GLU A 170 -7.54 3.68 -9.21
C GLU A 170 -6.18 3.43 -8.57
N PRO A 171 -5.75 4.30 -7.64
CA PRO A 171 -4.37 4.22 -7.13
C PRO A 171 -3.95 2.82 -6.72
N MET A 172 -2.70 2.50 -7.01
CA MET A 172 -2.13 1.17 -6.83
C MET A 172 -0.67 1.35 -6.44
N ILE A 173 -0.24 0.66 -5.38
CA ILE A 173 1.11 0.82 -4.85
C ILE A 173 1.70 -0.55 -4.54
N ILE A 174 2.93 -0.77 -4.98
CA ILE A 174 3.69 -1.98 -4.66
C ILE A 174 4.76 -1.61 -3.65
N MET A 175 4.77 -2.26 -2.48
CA MET A 175 5.78 -1.99 -1.46
C MET A 175 6.38 -3.31 -0.97
N SER A 176 7.58 -3.22 -0.40
CA SER A 176 8.36 -4.42 -0.11
C SER A 176 9.19 -4.20 1.16
N LYS A 177 9.58 -5.31 1.77
CA LYS A 177 10.35 -5.28 3.01
C LYS A 177 11.75 -4.69 2.81
N TYR A 178 12.30 -4.75 1.59
CA TYR A 178 13.62 -4.20 1.26
C TYR A 178 13.51 -3.16 0.16
N ARG A 179 14.57 -2.36 0.00
CA ARG A 179 14.52 -1.24 -0.95
C ARG A 179 14.47 -1.71 -2.40
N THR A 180 15.04 -2.87 -2.73
CA THR A 180 15.05 -3.38 -4.10
C THR A 180 14.59 -4.82 -4.11
N VAL A 181 14.07 -5.25 -5.27
CA VAL A 181 13.71 -6.66 -5.45
C VAL A 181 14.38 -7.16 -6.72
N LEU A 182 14.69 -8.46 -6.72
CA LEU A 182 15.21 -9.10 -7.92
C LEU A 182 14.17 -9.10 -9.04
N LEU A 183 14.65 -9.24 -10.28
CA LEU A 183 13.77 -9.22 -11.45
C LEU A 183 12.75 -10.36 -11.40
N ASP A 184 13.23 -11.56 -11.09
CA ASP A 184 12.40 -12.69 -10.69
C ASP A 184 11.18 -12.27 -9.87
N THR A 185 11.45 -11.56 -8.78
CA THR A 185 10.40 -11.18 -7.84
C THR A 185 9.47 -10.14 -8.44
N TYR A 186 10.03 -9.13 -9.13
CA TYR A 186 9.20 -8.05 -9.67
C TYR A 186 8.19 -8.59 -10.69
N ASN A 187 8.62 -9.53 -11.54
CA ASN A 187 7.71 -10.09 -12.53
C ASN A 187 6.59 -10.90 -11.87
N LYS A 188 6.88 -11.53 -10.72
CA LYS A 188 5.83 -12.21 -9.97
C LYS A 188 4.81 -11.21 -9.45
N LEU A 189 5.27 -10.07 -8.95
CA LEU A 189 4.33 -9.08 -8.42
C LEU A 189 3.47 -8.49 -9.53
N ILE A 190 4.06 -8.27 -10.71
CA ILE A 190 3.28 -7.77 -11.84
C ILE A 190 2.25 -8.82 -12.26
N ASN A 191 2.62 -10.11 -12.21
CA ASN A 191 1.67 -11.16 -12.55
C ASN A 191 0.48 -11.19 -11.59
N SER A 192 0.71 -10.80 -10.33
CA SER A 192 -0.40 -10.72 -9.37
C SER A 192 -1.43 -9.70 -9.80
N LEU A 193 -0.98 -8.54 -10.31
CA LEU A 193 -1.91 -7.52 -10.78
C LEU A 193 -2.72 -8.03 -11.97
N TYR A 194 -2.12 -8.82 -12.85
CA TYR A 194 -2.86 -9.41 -13.96
C TYR A 194 -3.92 -10.38 -13.45
N LEU A 195 -3.56 -11.25 -12.52
CA LEU A 195 -4.53 -12.20 -11.97
C LEU A 195 -5.66 -11.49 -11.21
N ALA A 196 -5.37 -10.32 -10.64
CA ALA A 196 -6.36 -9.53 -9.92
C ALA A 196 -7.31 -8.78 -10.84
N GLY A 197 -7.01 -8.67 -12.13
CA GLY A 197 -7.87 -7.98 -13.06
C GLY A 197 -7.31 -6.73 -13.72
N TYR A 198 -6.05 -6.37 -13.46
CA TYR A 198 -5.45 -5.23 -14.14
C TYR A 198 -5.13 -5.61 -15.60
N GLU A 199 -5.48 -4.72 -16.53
CA GLU A 199 -5.35 -5.07 -17.93
C GLU A 199 -3.88 -5.08 -18.35
N PRO A 200 -3.46 -5.97 -19.25
CA PRO A 200 -2.03 -6.08 -19.59
C PRO A 200 -1.40 -4.77 -20.04
N SER A 201 -2.11 -3.95 -20.81
CA SER A 201 -1.54 -2.69 -21.27
C SER A 201 -1.39 -1.66 -20.16
N LEU A 202 -1.89 -1.93 -18.95
CA LEU A 202 -1.65 -1.06 -17.80
C LEU A 202 -0.42 -1.48 -17.01
N LEU A 203 0.18 -2.63 -17.32
CA LEU A 203 1.25 -3.18 -16.51
C LEU A 203 2.63 -2.88 -17.09
N THR A 204 2.73 -1.82 -17.88
CA THR A 204 3.93 -1.36 -18.56
C THR A 204 4.00 0.14 -18.35
N TRP A 205 5.22 0.69 -18.33
CA TRP A 205 5.41 2.13 -18.35
C TRP A 205 4.70 2.72 -19.57
N PRO A 206 4.11 3.93 -19.47
CA PRO A 206 4.17 4.90 -18.36
C PRO A 206 3.08 4.72 -17.33
N PHE A 207 2.42 3.56 -17.32
CA PHE A 207 1.31 3.33 -16.42
C PHE A 207 1.73 2.65 -15.12
N ILE A 208 2.87 1.98 -15.13
CA ILE A 208 3.58 1.57 -13.92
C ILE A 208 4.88 2.34 -13.91
N ILE A 209 5.18 3.00 -12.78
CA ILE A 209 6.37 3.83 -12.65
C ILE A 209 7.16 3.36 -11.44
N GLN A 210 8.46 3.17 -11.61
CA GLN A 210 9.30 2.70 -10.52
C GLN A 210 9.77 3.86 -9.67
N THR A 211 9.87 3.63 -8.37
CA THR A 211 10.34 4.63 -7.41
C THR A 211 11.86 4.56 -7.25
N ASP A 212 12.50 5.72 -7.18
CA ASP A 212 13.96 5.74 -7.00
C ASP A 212 14.29 5.43 -5.55
N GLN A 213 14.98 4.32 -5.32
CA GLN A 213 15.41 3.93 -3.98
C GLN A 213 16.93 3.93 -3.81
N THR A 214 17.66 4.55 -4.72
CA THR A 214 19.12 4.56 -4.62
C THR A 214 19.59 5.72 -3.73
N PHE A 215 20.69 5.48 -3.03
CA PHE A 215 21.30 6.49 -2.15
C PHE A 215 20.32 6.99 -1.08
N CYS A 216 19.64 6.05 -0.44
CA CYS A 216 18.72 6.44 0.62
C CYS A 216 19.24 6.00 1.99
C10 A1IRI B . -3.12 7.00 -0.01
C13 A1IRI B . -6.08 6.34 -2.34
C15 A1IRI B . -6.36 8.57 -2.42
C17 A1IRI B . -4.92 10.63 -1.50
C20 A1IRI B . -4.13 14.42 -0.63
C21 A1IRI B . -2.61 14.31 -0.40
C26 A1IRI B . -2.71 11.92 -1.08
C01 A1IRI B . -3.77 2.82 -2.32
C03 A1IRI B . -3.43 4.93 -1.15
C05 A1IRI B . -1.74 5.05 0.45
C06 A1IRI B . -0.60 4.36 1.31
C07 A1IRI B . 0.45 3.54 0.52
C08 A1IRI B . -1.24 3.39 2.35
C09 A1IRI B . -2.07 6.41 0.73
C11 A1IRI B . -3.85 6.26 -1.02
C12 A1IRI B . -4.92 6.90 -1.68
C19 A1IRI B . -4.66 13.30 -1.58
C23 A1IRI B . -1.74 14.81 -1.61
C25 A1IRI B . -2.20 12.91 0.00
N04 A1IRI B . -2.43 4.33 -0.47
N14 A1IRI B . -6.94 7.39 -2.81
N18 A1IRI B . -4.25 11.90 -1.09
N24 A1IRI B . -2.15 14.33 -2.94
N27 A1IRI B . -4.37 9.41 -1.23
N28 A1IRI B . -5.16 8.31 -1.73
O02 A1IRI B . -4.15 4.19 -2.15
O22 A1IRI B . -2.41 15.23 0.78
S16 A1IRI B . -6.52 10.33 -2.45
CL CL C . 18.87 14.93 -4.37
CL CL D . 16.01 14.45 2.50
CL CL E . 9.89 3.68 -14.28
CL CL F . 13.67 -10.08 -4.11
CL CL G . -9.31 9.24 -3.37
#